data_4NO7
#
_entry.id   4NO7
#
_cell.length_a   66.300
_cell.length_b   81.300
_cell.length_c   85.500
_cell.angle_alpha   90.00
_cell.angle_beta   90.00
_cell.angle_gamma   90.00
#
_symmetry.space_group_name_H-M   'P 21 21 21'
#
loop_
_entity.id
_entity.type
_entity.pdbx_description
1 polymer Glucokinase
2 non-polymer alpha-D-glucopyranose
3 non-polymer (2R)-2-[3-chloro-4-(methylsulfonyl)phenyl]-3-[(1R)-3-oxocyclopentyl]-N-(pyrazin-2-yl)propanamide
4 water water
#
_entity_poly.entity_id   1
_entity_poly.type   'polypeptide(L)'
_entity_poly.pdbx_seq_one_letter_code
;MGHHHHHHENLYFQGMKKEKVEQILAEFQLQEEDLKKVMRRMQKEMDRGLRLETHEEASVKMLPTYVRSTPEGSEVGDFL
SLDLGGTNFRVMLVKVGEGEEGQWSVKTKHQMYSIPEDAMTGTAEMLFDYISECISDFLDKHQMKHKKLPLGFTFSFPVR
HEDIDKGILLNWTKGFKASGAEGNNVVGLLRDAIKRRGDFEMDVVAMVNDTVATMISCYYEDHQCEVGMIVGTGCNACYM
EEMQNVELVEGDEGRMCVNTEWGAFGDSGELDEFLLEYDRLVDESSANPGQQLYEKLIGGKYMGELVRLVLLRLVDENLL
FHGEASEQLRTRGAFETRFVSQVESDTGDRKQIYNILSTLGLRPSTTDCDIVRRACESVSTRAAHMCSAGLAGVINRMRE
SRSEDVMRITVGVDGSVYKLHPSFKERFHASVRRLTPSCEITFIESEEGSGRGAALVSAVACKKACMLGQ
;
_entity_poly.pdbx_strand_id   A
#
loop_
_chem_comp.id
_chem_comp.type
_chem_comp.name
_chem_comp.formula
2N8 non-polymer (2R)-2-[3-chloro-4-(methylsulfonyl)phenyl]-3-[(1R)-3-oxocyclopentyl]-N-(pyrazin-2-yl)propanamide 'C19 H20 Cl N3 O4 S'
GLC D-saccharide, alpha linking alpha-D-glucopyranose 'C6 H12 O6'
#
# COMPACT_ATOMS: atom_id res chain seq x y z
N ASN A 10 -22.13 36.51 9.37
CA ASN A 10 -21.61 37.31 8.22
C ASN A 10 -21.10 36.41 7.12
N LEU A 11 -21.85 36.39 6.02
CA LEU A 11 -21.58 35.52 4.88
C LEU A 11 -20.40 35.99 4.06
N TYR A 12 -20.29 37.31 3.89
CA TYR A 12 -19.18 37.88 3.17
C TYR A 12 -17.85 37.44 3.80
N PHE A 13 -17.76 37.56 5.12
CA PHE A 13 -16.51 37.19 5.82
C PHE A 13 -16.28 35.69 5.88
N GLN A 14 -17.35 34.93 6.07
CA GLN A 14 -17.29 33.48 5.93
CA GLN A 14 -17.24 33.48 5.96
C GLN A 14 -16.71 33.14 4.56
N GLY A 15 -17.17 33.90 3.56
CA GLY A 15 -16.76 33.72 2.18
C GLY A 15 -15.32 34.10 1.94
N MET A 16 -14.88 35.14 2.64
CA MET A 16 -13.53 35.62 2.51
C MET A 16 -12.54 34.62 3.11
N LYS A 17 -12.94 34.01 4.24
CA LYS A 17 -12.17 32.93 4.87
C LYS A 17 -12.01 31.78 3.89
N LYS A 18 -13.11 31.38 3.25
CA LYS A 18 -13.07 30.25 2.33
C LYS A 18 -12.14 30.50 1.16
N GLU A 19 -12.15 31.73 0.64
CA GLU A 19 -11.30 32.11 -0.47
C GLU A 19 -9.83 32.04 -0.07
N LYS A 20 -9.51 32.42 1.17
CA LYS A 20 -8.14 32.34 1.65
C LYS A 20 -7.74 30.88 1.83
N VAL A 21 -8.69 30.06 2.29
CA VAL A 21 -8.43 28.63 2.44
C VAL A 21 -8.11 28.07 1.07
N GLU A 22 -8.89 28.45 0.06
CA GLU A 22 -8.69 27.92 -1.28
C GLU A 22 -7.31 28.23 -1.83
N GLN A 23 -6.80 29.42 -1.54
CA GLN A 23 -5.46 29.83 -1.95
C GLN A 23 -4.41 28.92 -1.34
N ILE A 24 -4.60 28.60 -0.05
CA ILE A 24 -3.70 27.70 0.64
C ILE A 24 -3.80 26.28 0.06
N LEU A 25 -5.04 25.81 -0.12
CA LEU A 25 -5.27 24.43 -0.63
C LEU A 25 -4.82 24.22 -2.06
N ALA A 26 -4.80 25.29 -2.83
CA ALA A 26 -4.37 25.22 -4.24
C ALA A 26 -2.97 24.62 -4.38
N GLU A 27 -2.13 24.78 -3.35
CA GLU A 27 -0.80 24.15 -3.34
C GLU A 27 -0.83 22.65 -3.64
N PHE A 28 -1.94 21.99 -3.32
CA PHE A 28 -2.02 20.54 -3.51
C PHE A 28 -2.30 20.15 -4.96
N GLN A 29 -2.71 21.12 -5.78
CA GLN A 29 -3.09 20.82 -7.16
C GLN A 29 -1.91 20.29 -7.96
N LEU A 30 -2.22 19.36 -8.84
CA LEU A 30 -1.23 18.85 -9.77
C LEU A 30 -1.88 18.89 -11.15
N GLN A 31 -1.31 19.66 -12.05
CA GLN A 31 -1.81 19.76 -13.42
C GLN A 31 -1.51 18.47 -14.17
N GLU A 32 -2.15 18.24 -15.32
CA GLU A 32 -1.91 16.98 -16.02
C GLU A 32 -0.45 16.87 -16.41
N GLU A 33 0.18 18.00 -16.79
CA GLU A 33 1.60 17.94 -17.15
C GLU A 33 2.53 17.64 -15.97
N ASP A 34 2.13 18.06 -14.77
CA ASP A 34 2.82 17.64 -13.54
C ASP A 34 2.78 16.11 -13.41
N LEU A 35 1.58 15.55 -13.63
CA LEU A 35 1.41 14.12 -13.49
C LEU A 35 2.18 13.35 -14.54
N LYS A 36 2.21 13.88 -15.76
CA LYS A 36 3.02 13.29 -16.82
C LYS A 36 4.49 13.31 -16.44
N LYS A 37 4.94 14.40 -15.82
CA LYS A 37 6.32 14.48 -15.39
C LYS A 37 6.60 13.42 -14.36
N VAL A 38 5.71 13.32 -13.37
CA VAL A 38 5.87 12.29 -12.33
C VAL A 38 5.89 10.90 -12.95
N MET A 39 4.94 10.66 -13.84
CA MET A 39 4.88 9.38 -14.53
C MET A 39 6.18 9.07 -15.24
N ARG A 40 6.68 10.00 -16.06
CA ARG A 40 7.95 9.79 -16.75
C ARG A 40 9.09 9.52 -15.78
N ARG A 41 9.10 10.24 -14.67
CA ARG A 41 10.20 10.12 -13.74
C ARG A 41 10.10 8.75 -13.08
N MET A 42 8.87 8.31 -12.80
CA MET A 42 8.64 6.99 -12.24
C MET A 42 9.15 5.95 -13.26
N GLN A 43 8.80 6.11 -14.54
CA GLN A 43 9.23 5.14 -15.55
C GLN A 43 10.74 5.09 -15.64
N LYS A 44 11.37 6.27 -15.55
CA LYS A 44 12.82 6.36 -15.54
C LYS A 44 13.39 5.55 -14.38
N GLU A 45 12.79 5.73 -13.21
CA GLU A 45 13.28 5.04 -12.03
C GLU A 45 13.04 3.55 -12.12
N MET A 46 11.94 3.16 -12.74
CA MET A 46 11.65 1.76 -12.95
C MET A 46 12.69 1.11 -13.87
N ASP A 47 13.03 1.82 -14.95
CA ASP A 47 14.06 1.32 -15.85
CA ASP A 47 14.06 1.33 -15.86
C ASP A 47 15.34 1.10 -15.06
N ARG A 48 15.67 2.06 -14.22
CA ARG A 48 16.91 2.01 -13.43
C ARG A 48 16.91 0.86 -12.43
N GLY A 49 15.77 0.61 -11.80
CA GLY A 49 15.69 -0.52 -10.86
C GLY A 49 15.89 -1.88 -11.50
N LEU A 50 15.48 -2.02 -12.76
CA LEU A 50 15.55 -3.30 -13.46
C LEU A 50 16.94 -3.66 -13.96
N ARG A 51 17.77 -2.63 -14.14
CA ARG A 51 19.07 -2.81 -14.76
C ARG A 51 20.14 -3.06 -13.72
N LEU A 52 20.99 -4.05 -13.98
CA LEU A 52 22.07 -4.42 -13.06
C LEU A 52 22.96 -3.23 -12.76
N GLU A 53 23.24 -2.45 -13.78
CA GLU A 53 24.13 -1.31 -13.67
C GLU A 53 23.64 -0.23 -12.68
N THR A 54 22.32 -0.07 -12.58
CA THR A 54 21.73 1.01 -11.78
C THR A 54 20.82 0.53 -10.67
N HIS A 55 20.61 -0.77 -10.55
CA HIS A 55 19.73 -1.27 -9.49
C HIS A 55 20.09 -0.78 -8.07
N GLU A 56 21.38 -0.80 -7.73
CA GLU A 56 21.81 -0.43 -6.38
C GLU A 56 21.47 1.01 -6.05
N GLU A 57 21.55 1.90 -7.04
CA GLU A 57 21.29 3.31 -6.83
C GLU A 57 19.79 3.66 -6.94
N ALA A 58 19.05 2.84 -7.69
CA ALA A 58 17.66 3.09 -7.98
C ALA A 58 16.84 3.27 -6.71
N SER A 59 16.00 4.30 -6.68
CA SER A 59 15.07 4.47 -5.55
C SER A 59 13.92 3.48 -5.62
N VAL A 60 13.51 3.15 -6.84
CA VAL A 60 12.40 2.24 -7.09
C VAL A 60 13.06 0.91 -7.45
N LYS A 61 12.98 -0.03 -6.50
CA LYS A 61 13.85 -1.20 -6.53
C LYS A 61 13.51 -2.27 -7.53
N MET A 62 12.24 -2.36 -7.93
CA MET A 62 11.84 -3.30 -9.01
C MET A 62 12.32 -4.69 -8.67
N LEU A 63 11.93 -5.16 -7.49
CA LEU A 63 12.49 -6.41 -6.98
C LEU A 63 11.86 -7.64 -7.62
N PRO A 64 12.70 -8.53 -8.17
CA PRO A 64 12.16 -9.78 -8.68
C PRO A 64 11.52 -10.59 -7.59
N THR A 65 10.36 -11.17 -7.89
CA THR A 65 9.59 -11.86 -6.88
C THR A 65 9.72 -13.38 -7.01
N TYR A 66 10.24 -13.82 -8.17
CA TYR A 66 10.28 -15.22 -8.52
C TYR A 66 8.91 -15.84 -8.72
N VAL A 67 7.90 -14.98 -8.80
CA VAL A 67 6.57 -15.39 -9.24
C VAL A 67 6.53 -15.30 -10.76
N ARG A 68 6.34 -16.46 -11.42
CA ARG A 68 6.52 -16.53 -12.87
C ARG A 68 5.20 -16.81 -13.57
N SER A 69 5.10 -16.40 -14.82
CA SER A 69 4.06 -16.94 -15.68
C SER A 69 4.32 -18.44 -15.78
N THR A 70 3.26 -19.22 -15.66
CA THR A 70 3.42 -20.65 -15.65
C THR A 70 2.13 -21.25 -16.20
N PRO A 71 2.20 -22.46 -16.80
CA PRO A 71 1.00 -23.14 -17.28
C PRO A 71 -0.13 -23.18 -16.24
N GLU A 72 -1.35 -23.34 -16.71
CA GLU A 72 -2.54 -23.41 -15.86
C GLU A 72 -2.42 -24.49 -14.79
N GLY A 73 -3.06 -24.26 -13.66
CA GLY A 73 -3.21 -25.30 -12.64
C GLY A 73 -2.43 -25.08 -11.36
N SER A 74 -2.68 -25.95 -10.40
CA SER A 74 -2.05 -25.89 -9.08
C SER A 74 -2.37 -27.16 -8.29
N GLU A 75 -1.58 -27.42 -7.25
CA GLU A 75 -1.87 -28.49 -6.29
C GLU A 75 -3.24 -28.20 -5.65
N VAL A 76 -3.95 -29.25 -5.26
CA VAL A 76 -5.24 -29.08 -4.57
C VAL A 76 -5.08 -29.41 -3.09
N GLY A 77 -6.02 -28.92 -2.28
CA GLY A 77 -6.07 -29.24 -0.86
C GLY A 77 -5.99 -28.03 0.05
N ASP A 78 -5.53 -28.25 1.27
CA ASP A 78 -5.45 -27.19 2.26
C ASP A 78 -4.11 -26.49 2.27
N PHE A 79 -4.16 -25.16 2.30
CA PHE A 79 -2.98 -24.30 2.31
C PHE A 79 -3.16 -23.22 3.36
N LEU A 80 -2.13 -22.98 4.15
CA LEU A 80 -2.19 -21.94 5.16
C LEU A 80 -1.57 -20.67 4.61
N SER A 81 -2.23 -19.55 4.85
CA SER A 81 -1.70 -18.30 4.40
C SER A 81 -1.54 -17.36 5.58
N LEU A 82 -0.38 -16.73 5.66
CA LEU A 82 -0.10 -15.72 6.67
C LEU A 82 0.00 -14.38 5.99
N ASP A 83 -0.44 -13.33 6.67
CA ASP A 83 -0.39 -12.01 6.06
C ASP A 83 0.05 -11.01 7.09
N LEU A 84 1.30 -10.57 6.96
CA LEU A 84 1.89 -9.56 7.83
C LEU A 84 2.20 -8.30 7.05
N GLY A 85 1.80 -7.13 7.55
CA GLY A 85 2.20 -5.91 6.87
C GLY A 85 1.30 -4.73 7.14
N GLY A 86 0.22 -5.03 7.85
CA GLY A 86 -0.48 -4.03 8.66
C GLY A 86 -0.22 -4.35 10.12
N THR A 87 -0.89 -3.61 11.00
CA THR A 87 -0.82 -3.84 12.43
C THR A 87 -1.67 -5.05 12.83
N ASN A 88 -2.48 -5.53 11.89
CA ASN A 88 -3.16 -6.81 12.05
C ASN A 88 -2.45 -7.89 11.26
N PHE A 89 -2.32 -9.03 11.89
CA PHE A 89 -1.74 -10.18 11.28
C PHE A 89 -2.91 -11.13 10.94
N ARG A 90 -2.94 -11.68 9.74
CA ARG A 90 -4.05 -12.54 9.35
C ARG A 90 -3.58 -13.93 9.00
N VAL A 91 -4.29 -14.93 9.52
CA VAL A 91 -4.02 -16.32 9.20
C VAL A 91 -5.28 -16.82 8.51
N MET A 92 -5.08 -17.61 7.47
CA MET A 92 -6.19 -18.02 6.65
C MET A 92 -5.92 -19.44 6.21
N LEU A 93 -6.96 -20.26 6.30
CA LEU A 93 -6.95 -21.60 5.77
C LEU A 93 -7.76 -21.57 4.48
N VAL A 94 -7.14 -22.04 3.41
CA VAL A 94 -7.81 -22.05 2.13
C VAL A 94 -7.67 -23.39 1.44
N LYS A 95 -8.83 -23.91 1.04
CA LYS A 95 -8.97 -25.23 0.43
C LYS A 95 -9.09 -25.01 -1.06
N VAL A 96 -8.19 -25.62 -1.83
CA VAL A 96 -8.15 -25.44 -3.28
C VAL A 96 -8.76 -26.65 -3.97
N SER A 105 -11.88 -22.90 -4.86
CA SER A 105 -11.15 -22.66 -3.62
C SER A 105 -12.03 -21.93 -2.59
N VAL A 106 -12.03 -22.46 -1.37
CA VAL A 106 -12.80 -21.87 -0.27
C VAL A 106 -11.88 -21.38 0.85
N LYS A 107 -12.12 -20.15 1.30
CA LYS A 107 -11.48 -19.64 2.52
C LYS A 107 -12.18 -20.30 3.70
N THR A 108 -11.86 -21.59 3.90
CA THR A 108 -12.42 -22.40 4.99
C THR A 108 -12.48 -21.60 6.28
N LYS A 109 -11.34 -21.04 6.68
CA LYS A 109 -11.26 -20.32 7.95
C LYS A 109 -10.31 -19.12 7.87
N HIS A 110 -10.56 -18.13 8.73
CA HIS A 110 -9.80 -16.89 8.74
C HIS A 110 -9.77 -16.35 10.14
N GLN A 111 -8.60 -15.96 10.60
CA GLN A 111 -8.54 -15.23 11.84
C GLN A 111 -7.56 -14.08 11.73
N MET A 112 -7.95 -12.96 12.32
CA MET A 112 -7.14 -11.76 12.39
C MET A 112 -6.68 -11.51 13.81
N TYR A 113 -5.43 -11.07 13.95
CA TYR A 113 -4.84 -10.81 15.24
C TYR A 113 -4.18 -9.45 15.24
N SER A 114 -4.43 -8.68 16.30
CA SER A 114 -3.83 -7.37 16.45
C SER A 114 -2.42 -7.56 16.97
N ILE A 115 -1.46 -6.93 16.33
CA ILE A 115 -0.06 -7.04 16.74
C ILE A 115 0.24 -6.06 17.86
N PRO A 116 0.69 -6.58 19.02
CA PRO A 116 0.99 -5.69 20.14
C PRO A 116 2.05 -4.67 19.77
N GLU A 117 1.94 -3.50 20.39
CA GLU A 117 2.86 -2.38 20.19
C GLU A 117 4.30 -2.86 20.22
N ASP A 118 4.63 -3.60 21.27
CA ASP A 118 6.00 -4.07 21.56
C ASP A 118 6.62 -5.00 20.50
N ALA A 119 5.78 -5.59 19.65
CA ALA A 119 6.22 -6.61 18.73
C ALA A 119 6.59 -5.98 17.40
N MET A 120 5.95 -4.86 17.07
CA MET A 120 6.21 -4.20 15.79
C MET A 120 7.45 -3.32 15.83
N THR A 121 7.78 -2.84 17.03
CA THR A 121 8.92 -1.96 17.26
C THR A 121 9.89 -2.52 18.31
N GLY A 122 9.75 -3.80 18.63
CA GLY A 122 10.66 -4.49 19.54
C GLY A 122 11.73 -5.24 18.76
N THR A 123 11.85 -6.54 19.03
CA THR A 123 12.85 -7.35 18.33
C THR A 123 12.14 -8.22 17.29
N ALA A 124 12.87 -8.67 16.27
CA ALA A 124 12.26 -9.61 15.31
C ALA A 124 11.84 -10.89 16.03
N GLU A 125 12.61 -11.28 17.05
CA GLU A 125 12.25 -12.47 17.81
C GLU A 125 10.86 -12.33 18.41
N MET A 126 10.57 -11.18 19.02
CA MET A 126 9.25 -10.93 19.62
C MET A 126 8.16 -10.95 18.57
N LEU A 127 8.43 -10.28 17.45
CA LEU A 127 7.45 -10.17 16.37
C LEU A 127 7.10 -11.55 15.85
N PHE A 128 8.12 -12.34 15.55
CA PHE A 128 7.89 -13.65 14.97
C PHE A 128 7.40 -14.68 15.97
N ASP A 129 7.79 -14.50 17.24
CA ASP A 129 7.20 -15.28 18.32
C ASP A 129 5.70 -15.03 18.37
N TYR A 130 5.30 -13.75 18.25
CA TYR A 130 3.88 -13.41 18.28
C TYR A 130 3.17 -14.09 17.12
N ILE A 131 3.74 -13.95 15.92
CA ILE A 131 3.17 -14.56 14.73
C ILE A 131 2.98 -16.04 14.95
N SER A 132 4.00 -16.70 15.51
CA SER A 132 3.94 -18.15 15.73
C SER A 132 2.85 -18.53 16.73
N GLU A 133 2.71 -17.72 17.77
CA GLU A 133 1.65 -17.88 18.73
C GLU A 133 0.29 -17.79 18.05
N CYS A 134 0.12 -16.78 17.18
CA CYS A 134 -1.15 -16.58 16.47
C CYS A 134 -1.44 -17.79 15.61
N ILE A 135 -0.40 -18.33 14.97
CA ILE A 135 -0.56 -19.54 14.15
C ILE A 135 -1.04 -20.73 15.01
N SER A 136 -0.39 -21.01 16.14
CA SER A 136 -0.93 -22.06 17.01
C SER A 136 -2.37 -21.82 17.44
N ASP A 137 -2.70 -20.57 17.79
CA ASP A 137 -4.09 -20.20 18.15
C ASP A 137 -5.03 -20.64 17.02
N PHE A 138 -4.71 -20.23 15.81
CA PHE A 138 -5.53 -20.55 14.64
C PHE A 138 -5.65 -22.06 14.42
N LEU A 139 -4.52 -22.76 14.53
CA LEU A 139 -4.51 -24.19 14.29
C LEU A 139 -5.35 -24.91 15.35
N ASP A 140 -5.41 -24.32 16.55
CA ASP A 140 -6.26 -24.82 17.64
C ASP A 140 -7.74 -24.57 17.41
N LYS A 141 -8.09 -23.35 17.03
CA LYS A 141 -9.48 -22.98 16.77
C LYS A 141 -10.13 -23.91 15.75
N HIS A 142 -9.30 -24.54 14.92
CA HIS A 142 -9.78 -25.38 13.83
C HIS A 142 -9.26 -26.82 13.88
N GLN A 143 -8.69 -27.18 15.03
CA GLN A 143 -8.15 -28.53 15.27
C GLN A 143 -7.44 -29.09 14.05
N MET A 144 -6.25 -28.55 13.79
CA MET A 144 -5.44 -28.96 12.64
C MET A 144 -3.97 -28.62 12.86
N LYS A 145 -3.58 -28.53 14.13
CA LYS A 145 -2.21 -28.19 14.51
C LYS A 145 -1.23 -29.29 14.13
N HIS A 146 -1.72 -30.53 14.18
CA HIS A 146 -0.92 -31.71 13.84
C HIS A 146 -0.63 -31.81 12.35
N LYS A 147 -1.59 -31.38 11.53
CA LYS A 147 -1.45 -31.43 10.07
C LYS A 147 -0.36 -30.48 9.57
N LYS A 148 0.69 -31.05 8.97
CA LYS A 148 1.76 -30.25 8.40
C LYS A 148 1.32 -29.71 7.03
N LEU A 149 1.15 -28.40 6.97
CA LEU A 149 0.55 -27.75 5.81
C LEU A 149 1.53 -26.90 5.00
N PRO A 150 1.32 -26.80 3.68
CA PRO A 150 2.09 -25.85 2.91
C PRO A 150 1.62 -24.44 3.27
N LEU A 151 2.56 -23.53 3.44
CA LEU A 151 2.27 -22.18 3.94
C LEU A 151 2.81 -21.13 2.99
N GLY A 152 1.93 -20.22 2.62
CA GLY A 152 2.30 -19.04 1.87
C GLY A 152 2.31 -17.87 2.82
N PHE A 153 3.34 -17.03 2.70
CA PHE A 153 3.54 -15.91 3.62
C PHE A 153 3.45 -14.61 2.82
N THR A 154 2.35 -13.86 2.99
CA THR A 154 2.28 -12.49 2.44
C THR A 154 2.99 -11.60 3.45
N PHE A 155 4.04 -10.97 2.99
CA PHE A 155 4.89 -10.19 3.87
C PHE A 155 5.07 -8.87 3.15
N SER A 156 4.43 -7.82 3.67
CA SER A 156 4.21 -6.59 2.92
C SER A 156 5.31 -5.54 3.10
N PHE A 157 6.54 -5.95 2.81
CA PHE A 157 7.74 -5.11 2.96
C PHE A 157 8.73 -5.47 1.89
N PRO A 158 9.67 -4.55 1.60
CA PRO A 158 10.63 -4.83 0.55
C PRO A 158 11.57 -5.97 0.85
N VAL A 159 11.57 -6.95 -0.05
CA VAL A 159 12.40 -8.13 0.11
C VAL A 159 13.21 -8.35 -1.14
N ARG A 160 14.49 -8.64 -0.95
CA ARG A 160 15.34 -9.09 -2.03
CA ARG A 160 15.32 -9.10 -2.06
C ARG A 160 15.29 -10.60 -2.06
N HIS A 161 14.61 -11.16 -3.05
CA HIS A 161 14.48 -12.61 -3.17
C HIS A 161 15.65 -13.28 -3.81
N GLU A 162 15.96 -14.46 -3.31
CA GLU A 162 16.81 -15.40 -4.04
C GLU A 162 15.91 -16.40 -4.72
N ASP A 163 14.71 -16.59 -4.18
CA ASP A 163 13.75 -17.55 -4.72
C ASP A 163 12.38 -17.22 -4.16
N ILE A 164 11.37 -17.96 -4.57
CA ILE A 164 9.99 -17.73 -4.14
C ILE A 164 9.86 -17.88 -2.61
N ASP A 165 10.72 -18.71 -2.02
CA ASP A 165 10.63 -19.04 -0.60
C ASP A 165 11.84 -18.55 0.20
N LYS A 166 12.60 -17.62 -0.36
CA LYS A 166 13.78 -17.10 0.32
C LYS A 166 14.04 -15.67 -0.09
N GLY A 167 14.07 -14.78 0.89
CA GLY A 167 14.33 -13.40 0.59
C GLY A 167 14.63 -12.62 1.84
N ILE A 168 15.53 -11.67 1.70
CA ILE A 168 15.96 -10.88 2.82
C ILE A 168 15.17 -9.57 2.89
N LEU A 169 14.81 -9.20 4.11
CA LEU A 169 14.18 -7.91 4.33
C LEU A 169 15.18 -6.80 4.06
N LEU A 170 14.83 -5.91 3.15
CA LEU A 170 15.73 -4.79 2.83
C LEU A 170 15.64 -3.72 3.91
N ASN A 171 14.41 -3.32 4.21
CA ASN A 171 14.13 -2.42 5.30
C ASN A 171 12.65 -2.44 5.63
N TRP A 172 12.33 -2.20 6.89
CA TRP A 172 10.95 -2.05 7.28
C TRP A 172 10.41 -0.78 6.67
N THR A 173 9.10 -0.75 6.47
CA THR A 173 8.40 0.46 6.07
C THR A 173 7.16 0.56 6.96
N LYS A 174 6.36 1.61 6.77
CA LYS A 174 5.06 1.74 7.46
C LYS A 174 5.16 1.74 8.98
N GLY A 175 6.28 2.18 9.50
CA GLY A 175 6.44 2.23 10.97
C GLY A 175 6.85 0.94 11.68
N PHE A 176 7.00 -0.16 10.94
CA PHE A 176 7.64 -1.34 11.52
C PHE A 176 9.08 -0.99 11.85
N LYS A 177 9.59 -1.55 12.93
CA LYS A 177 10.95 -1.24 13.38
C LYS A 177 11.69 -2.41 14.04
N ALA A 178 11.05 -3.57 14.08
CA ALA A 178 11.59 -4.73 14.81
C ALA A 178 13.08 -4.98 14.47
N SER A 179 13.94 -4.91 15.49
CA SER A 179 15.37 -5.07 15.29
C SER A 179 15.70 -6.51 14.91
N GLY A 180 16.81 -6.71 14.22
CA GLY A 180 17.26 -8.06 13.88
C GLY A 180 16.50 -8.72 12.75
N ALA A 181 15.80 -7.92 11.96
CA ALA A 181 15.06 -8.43 10.82
C ALA A 181 15.72 -8.01 9.52
N GLU A 182 16.12 -6.74 9.45
CA GLU A 182 16.69 -6.21 8.20
C GLU A 182 17.96 -6.96 7.87
N GLY A 183 18.10 -7.32 6.60
CA GLY A 183 19.24 -8.09 6.14
C GLY A 183 19.13 -9.59 6.35
N ASN A 184 18.06 -10.05 6.99
CA ASN A 184 17.88 -11.46 7.26
C ASN A 184 16.80 -12.08 6.40
N ASN A 185 16.92 -13.39 6.19
CA ASN A 185 15.93 -14.16 5.44
C ASN A 185 14.67 -14.21 6.27
N VAL A 186 13.63 -13.59 5.73
CA VAL A 186 12.36 -13.50 6.43
C VAL A 186 11.70 -14.84 6.66
N VAL A 187 11.87 -15.73 5.68
CA VAL A 187 11.27 -17.04 5.79
C VAL A 187 11.99 -17.79 6.92
N GLY A 188 13.30 -17.61 7.00
CA GLY A 188 14.11 -18.12 8.10
C GLY A 188 13.67 -17.61 9.46
N LEU A 189 13.35 -16.32 9.56
CA LEU A 189 12.88 -15.73 10.82
C LEU A 189 11.60 -16.38 11.29
N LEU A 190 10.68 -16.51 10.36
CA LEU A 190 9.44 -17.27 10.57
C LEU A 190 9.70 -18.71 10.96
N ARG A 191 10.45 -19.44 10.13
CA ARG A 191 10.81 -20.83 10.47
C ARG A 191 11.44 -20.95 11.83
N ASP A 192 12.40 -20.07 12.14
CA ASP A 192 13.05 -20.05 13.45
C ASP A 192 12.05 -19.92 14.61
N ALA A 193 11.14 -18.95 14.50
CA ALA A 193 10.13 -18.71 15.53
C ALA A 193 9.22 -19.92 15.68
N ILE A 194 8.86 -20.53 14.56
CA ILE A 194 7.99 -21.70 14.60
C ILE A 194 8.72 -22.80 15.39
N LYS A 195 10.00 -23.00 15.07
CA LYS A 195 10.80 -24.04 15.72
C LYS A 195 10.97 -23.76 17.22
N ARG A 196 11.20 -22.51 17.57
CA ARG A 196 11.35 -22.14 18.98
C ARG A 196 10.12 -22.46 19.83
N ARG A 197 8.94 -22.31 19.23
CA ARG A 197 7.70 -22.62 19.90
C ARG A 197 7.51 -24.14 19.95
N GLY A 198 7.76 -24.79 18.80
CA GLY A 198 7.72 -26.24 18.68
C GLY A 198 6.39 -26.94 18.92
N ASP A 199 5.27 -26.26 18.69
CA ASP A 199 3.97 -26.94 18.86
C ASP A 199 3.18 -27.19 17.58
N PHE A 200 3.71 -26.71 16.46
CA PHE A 200 3.21 -27.09 15.14
C PHE A 200 4.36 -27.09 14.14
N GLU A 201 4.11 -27.64 12.95
CA GLU A 201 5.09 -27.61 11.89
C GLU A 201 4.42 -27.13 10.63
N MET A 202 5.14 -26.31 9.87
CA MET A 202 4.65 -25.76 8.62
C MET A 202 5.73 -25.80 7.55
N ASP A 203 5.30 -26.07 6.32
CA ASP A 203 6.19 -26.04 5.18
C ASP A 203 5.99 -24.70 4.48
N VAL A 204 6.88 -23.74 4.75
CA VAL A 204 6.80 -22.41 4.13
C VAL A 204 7.35 -22.50 2.71
N VAL A 205 6.44 -22.46 1.75
CA VAL A 205 6.81 -22.72 0.38
C VAL A 205 6.95 -21.44 -0.46
N ALA A 206 6.39 -20.33 0.02
CA ALA A 206 6.37 -19.09 -0.79
C ALA A 206 6.25 -17.91 0.12
N MET A 207 6.97 -16.84 -0.22
CA MET A 207 6.75 -15.59 0.47
C MET A 207 6.51 -14.59 -0.63
N VAL A 208 5.41 -13.87 -0.53
CA VAL A 208 5.11 -12.87 -1.55
C VAL A 208 4.76 -11.54 -0.92
N ASN A 209 4.98 -10.47 -1.67
CA ASN A 209 4.47 -9.17 -1.26
C ASN A 209 2.94 -9.12 -1.34
N ASP A 210 2.32 -8.17 -0.63
CA ASP A 210 0.86 -8.08 -0.68
C ASP A 210 0.37 -7.65 -2.04
N THR A 211 1.14 -6.83 -2.74
CA THR A 211 0.74 -6.48 -4.12
C THR A 211 0.68 -7.74 -4.99
N VAL A 212 1.66 -8.61 -4.78
CA VAL A 212 1.82 -9.82 -5.54
C VAL A 212 0.70 -10.79 -5.21
N ALA A 213 0.45 -10.96 -3.93
CA ALA A 213 -0.64 -11.80 -3.48
C ALA A 213 -1.96 -11.32 -4.07
N THR A 214 -2.17 -10.00 -4.07
CA THR A 214 -3.38 -9.41 -4.61
C THR A 214 -3.51 -9.69 -6.12
N MET A 215 -2.44 -9.44 -6.86
CA MET A 215 -2.42 -9.81 -8.26
C MET A 215 -2.76 -11.29 -8.48
N ILE A 216 -2.12 -12.20 -7.73
CA ILE A 216 -2.33 -13.64 -7.90
C ILE A 216 -3.81 -14.00 -7.64
N SER A 217 -4.36 -13.45 -6.56
CA SER A 217 -5.75 -13.72 -6.20
C SER A 217 -6.69 -13.27 -7.30
N CYS A 218 -6.43 -12.11 -7.89
CA CYS A 218 -7.27 -11.63 -8.99
C CYS A 218 -6.99 -12.41 -10.28
N TYR A 219 -5.72 -12.74 -10.52
CA TYR A 219 -5.34 -13.52 -11.69
C TYR A 219 -6.11 -14.83 -11.75
N TYR A 220 -6.27 -15.45 -10.58
CA TYR A 220 -7.01 -16.69 -10.46
C TYR A 220 -8.40 -16.58 -11.10
N GLU A 221 -9.08 -15.47 -10.84
CA GLU A 221 -10.40 -15.21 -11.41
C GLU A 221 -10.30 -14.75 -12.88
N ASP A 222 -9.31 -13.91 -13.17
CA ASP A 222 -9.19 -13.22 -14.45
C ASP A 222 -7.72 -13.23 -14.89
N HIS A 223 -7.40 -14.06 -15.87
CA HIS A 223 -6.01 -14.25 -16.28
C HIS A 223 -5.36 -13.06 -16.94
N GLN A 224 -6.15 -12.04 -17.22
CA GLN A 224 -5.64 -10.76 -17.74
C GLN A 224 -5.04 -9.90 -16.62
N CYS A 225 -5.20 -10.35 -15.37
CA CYS A 225 -4.63 -9.56 -14.27
C CYS A 225 -3.14 -9.80 -14.11
N GLU A 226 -2.34 -8.80 -14.45
CA GLU A 226 -0.90 -8.92 -14.41
C GLU A 226 -0.29 -7.72 -13.71
N VAL A 227 -1.14 -7.04 -12.95
CA VAL A 227 -0.67 -5.94 -12.10
C VAL A 227 -1.42 -6.06 -10.79
N GLY A 228 -0.71 -5.83 -9.68
CA GLY A 228 -1.41 -5.74 -8.38
C GLY A 228 -1.01 -4.40 -7.79
N MET A 229 -1.95 -3.77 -7.12
CA MET A 229 -1.68 -2.51 -6.47
C MET A 229 -2.30 -2.47 -5.10
N ILE A 230 -1.56 -1.95 -4.14
CA ILE A 230 -2.13 -1.74 -2.82
C ILE A 230 -2.18 -0.25 -2.56
N VAL A 231 -3.36 0.22 -2.16
CA VAL A 231 -3.49 1.56 -1.61
C VAL A 231 -4.19 1.45 -0.27
N GLY A 232 -3.38 1.17 0.74
CA GLY A 232 -3.88 0.85 2.07
C GLY A 232 -3.10 1.74 3.00
N THR A 233 -2.53 1.12 4.02
CA THR A 233 -1.65 1.83 4.94
C THR A 233 -0.47 2.39 4.16
N GLY A 234 0.05 1.54 3.30
CA GLY A 234 1.12 1.88 2.38
C GLY A 234 0.59 1.88 0.95
N CYS A 235 1.48 2.17 0.00
CA CYS A 235 1.09 2.19 -1.41
C CYS A 235 2.19 1.55 -2.24
N ASN A 236 1.83 0.57 -3.06
CA ASN A 236 2.84 -0.14 -3.83
C ASN A 236 2.17 -0.85 -5.00
N ALA A 237 3.00 -1.36 -5.91
CA ALA A 237 2.46 -2.06 -7.06
C ALA A 237 3.46 -3.08 -7.57
N CYS A 238 2.93 -4.14 -8.17
CA CYS A 238 3.75 -5.13 -8.80
C CYS A 238 3.17 -5.40 -10.18
N TYR A 239 3.99 -5.96 -11.05
CA TYR A 239 3.48 -6.24 -12.40
C TYR A 239 4.32 -7.31 -13.01
N MET A 240 3.74 -7.97 -14.01
CA MET A 240 4.44 -9.04 -14.72
C MET A 240 5.37 -8.45 -15.78
N GLU A 241 6.66 -8.51 -15.51
CA GLU A 241 7.67 -7.97 -16.41
C GLU A 241 8.16 -9.09 -17.32
N GLU A 242 8.63 -8.72 -18.51
CA GLU A 242 9.26 -9.68 -19.39
C GLU A 242 10.56 -10.12 -18.74
N MET A 243 10.80 -11.43 -18.72
CA MET A 243 12.04 -11.93 -18.15
C MET A 243 13.27 -11.28 -18.76
N GLN A 244 13.22 -10.98 -20.06
CA GLN A 244 14.38 -10.36 -20.69
C GLN A 244 14.74 -9.01 -20.10
N ASN A 245 13.77 -8.36 -19.44
CA ASN A 245 13.97 -7.05 -18.82
C ASN A 245 14.38 -7.10 -17.36
N VAL A 246 14.24 -8.26 -16.75
CA VAL A 246 14.60 -8.41 -15.36
C VAL A 246 16.08 -8.86 -15.34
N GLU A 247 16.97 -7.88 -15.41
CA GLU A 247 18.41 -8.19 -15.49
C GLU A 247 18.95 -8.90 -14.26
N LEU A 248 18.24 -8.74 -13.14
CA LEU A 248 18.66 -9.34 -11.89
C LEU A 248 18.41 -10.85 -11.78
N VAL A 249 17.73 -11.45 -12.75
CA VAL A 249 17.46 -12.88 -12.72
C VAL A 249 17.85 -13.52 -14.06
N GLU A 250 18.46 -14.69 -14.01
CA GLU A 250 18.82 -15.38 -15.23
C GLU A 250 17.60 -15.89 -15.98
N GLY A 251 17.64 -15.70 -17.30
CA GLY A 251 16.65 -16.25 -18.21
C GLY A 251 15.89 -15.14 -18.92
N ASP A 252 15.49 -15.41 -20.15
CA ASP A 252 14.78 -14.43 -20.98
C ASP A 252 13.41 -14.89 -21.38
N GLU A 253 12.99 -16.07 -20.93
CA GLU A 253 11.70 -16.64 -21.34
C GLU A 253 10.63 -16.32 -20.32
N GLY A 254 9.48 -15.89 -20.82
CA GLY A 254 8.29 -15.73 -20.01
C GLY A 254 8.32 -14.43 -19.23
N ARG A 255 7.52 -14.39 -18.18
CA ARG A 255 7.38 -13.20 -17.36
C ARG A 255 7.61 -13.52 -15.90
N MET A 256 8.06 -12.50 -15.16
CA MET A 256 8.18 -12.62 -13.73
C MET A 256 7.61 -11.37 -13.11
N CYS A 257 6.92 -11.56 -12.00
CA CYS A 257 6.36 -10.45 -11.27
C CYS A 257 7.51 -9.68 -10.65
N VAL A 258 7.46 -8.37 -10.81
CA VAL A 258 8.37 -7.47 -10.16
C VAL A 258 7.62 -6.62 -9.16
N ASN A 259 8.14 -6.60 -7.97
CA ASN A 259 7.59 -5.76 -6.93
C ASN A 259 8.26 -4.41 -7.03
N THR A 260 7.53 -3.40 -7.50
CA THR A 260 8.19 -2.12 -7.75
C THR A 260 8.80 -1.48 -6.51
N GLU A 261 8.12 -1.62 -5.38
CA GLU A 261 8.41 -0.83 -4.17
C GLU A 261 8.43 0.66 -4.54
N TRP A 262 7.40 1.06 -5.27
CA TRP A 262 7.35 2.42 -5.74
C TRP A 262 7.16 3.45 -4.64
N GLY A 263 6.85 2.97 -3.43
CA GLY A 263 6.66 3.90 -2.32
C GLY A 263 7.91 4.71 -2.07
N ALA A 264 9.07 4.15 -2.45
CA ALA A 264 10.38 4.79 -2.23
C ALA A 264 10.74 5.75 -3.35
N PHE A 265 9.90 5.82 -4.38
CA PHE A 265 10.05 6.85 -5.39
C PHE A 265 10.12 8.22 -4.69
N GLY A 266 11.05 9.06 -5.14
CA GLY A 266 11.22 10.35 -4.51
C GLY A 266 12.30 10.36 -3.45
N ASP A 267 12.76 9.18 -3.02
CA ASP A 267 13.73 9.11 -1.93
C ASP A 267 15.09 9.67 -2.39
N SER A 268 15.29 9.75 -3.69
CA SER A 268 16.48 10.35 -4.29
C SER A 268 16.23 11.77 -4.85
N GLY A 269 15.13 12.40 -4.44
CA GLY A 269 14.86 13.78 -4.83
C GLY A 269 13.89 13.92 -5.98
N GLU A 270 13.38 12.79 -6.49
CA GLU A 270 12.59 12.79 -7.71
C GLU A 270 11.24 13.55 -7.58
N LEU A 271 10.79 13.80 -6.36
CA LEU A 271 9.53 14.49 -6.15
C LEU A 271 9.74 15.84 -5.48
N ASP A 272 10.98 16.31 -5.39
CA ASP A 272 11.26 17.44 -4.52
C ASP A 272 10.41 18.66 -4.83
N GLU A 273 10.19 18.93 -6.11
CA GLU A 273 9.44 20.12 -6.49
C GLU A 273 7.96 20.07 -6.12
N PHE A 274 7.46 18.87 -5.83
CA PHE A 274 6.07 18.70 -5.47
C PHE A 274 5.83 18.57 -3.96
N LEU A 275 6.88 18.33 -3.18
CA LEU A 275 6.70 18.11 -1.75
C LEU A 275 6.37 19.43 -1.08
N LEU A 276 5.33 19.42 -0.27
CA LEU A 276 4.84 20.57 0.46
C LEU A 276 5.37 20.53 1.88
N GLU A 277 5.16 21.63 2.60
CA GLU A 277 5.56 21.70 4.00
C GLU A 277 4.94 20.56 4.80
N TYR A 278 3.68 20.22 4.47
CA TYR A 278 2.98 19.19 5.24
C TYR A 278 3.68 17.87 5.04
N ASP A 279 4.15 17.65 3.83
CA ASP A 279 4.86 16.42 3.50
C ASP A 279 6.15 16.32 4.25
N ARG A 280 6.86 17.44 4.35
CA ARG A 280 8.13 17.45 5.08
C ARG A 280 7.84 17.11 6.54
N LEU A 281 6.82 17.74 7.11
CA LEU A 281 6.43 17.51 8.49
C LEU A 281 6.10 16.05 8.74
N VAL A 282 5.28 15.46 7.86
CA VAL A 282 4.88 14.06 8.02
C VAL A 282 6.12 13.19 7.94
N ASP A 283 6.98 13.50 6.99
CA ASP A 283 8.19 12.71 6.84
C ASP A 283 9.05 12.78 8.10
N GLU A 284 9.22 13.99 8.61
CA GLU A 284 10.09 14.17 9.76
C GLU A 284 9.59 13.55 11.06
N SER A 285 8.28 13.45 11.22
CA SER A 285 7.69 12.78 12.38
C SER A 285 7.49 11.27 12.20
N SER A 286 7.89 10.72 11.05
CA SER A 286 7.64 9.29 10.77
C SER A 286 8.75 8.43 11.36
N ALA A 287 8.53 7.11 11.35
CA ALA A 287 9.53 6.14 11.79
C ALA A 287 10.66 5.93 10.78
N ASN A 288 10.49 6.43 9.55
CA ASN A 288 11.47 6.27 8.49
C ASN A 288 11.68 7.56 7.71
N PRO A 289 12.17 8.61 8.40
CA PRO A 289 12.36 9.91 7.76
C PRO A 289 13.26 9.80 6.54
N GLY A 290 12.85 10.47 5.47
CA GLY A 290 13.56 10.47 4.22
C GLY A 290 13.27 9.26 3.34
N GLN A 291 12.43 8.35 3.82
CA GLN A 291 12.17 7.14 3.06
C GLN A 291 10.71 7.06 2.73
N GLN A 292 10.40 6.32 1.69
CA GLN A 292 9.00 6.08 1.27
C GLN A 292 8.27 7.38 0.98
N LEU A 293 8.94 8.32 0.33
CA LEU A 293 8.33 9.65 0.18
C LEU A 293 7.08 9.66 -0.69
N TYR A 294 7.09 8.87 -1.78
CA TYR A 294 5.93 8.82 -2.67
C TYR A 294 4.77 8.19 -1.93
N GLU A 295 5.06 7.09 -1.22
CA GLU A 295 4.06 6.48 -0.36
C GLU A 295 3.47 7.45 0.65
N LYS A 296 4.29 8.36 1.18
CA LYS A 296 3.82 9.31 2.18
C LYS A 296 2.85 10.33 1.61
N LEU A 297 2.81 10.43 0.28
CA LEU A 297 1.82 11.30 -0.40
C LEU A 297 0.46 10.64 -0.56
N ILE A 298 0.41 9.33 -0.35
CA ILE A 298 -0.75 8.50 -0.75
C ILE A 298 -1.32 7.63 0.38
N GLY A 299 -0.44 6.93 1.09
CA GLY A 299 -0.83 5.85 1.99
C GLY A 299 -1.72 6.31 3.13
N GLY A 300 -2.59 5.42 3.56
CA GLY A 300 -3.50 5.64 4.68
C GLY A 300 -2.75 5.89 5.97
N LYS A 301 -1.50 5.44 6.08
CA LYS A 301 -0.78 5.72 7.30
C LYS A 301 -0.58 7.23 7.48
N TYR A 302 -0.48 7.94 6.36
CA TYR A 302 -0.05 9.34 6.36
C TYR A 302 -1.14 10.32 5.97
N MET A 303 -2.18 9.81 5.30
CA MET A 303 -3.20 10.72 4.75
C MET A 303 -3.90 11.58 5.78
N GLY A 304 -4.34 10.97 6.87
CA GLY A 304 -5.10 11.68 7.91
C GLY A 304 -4.16 12.69 8.57
N GLU A 305 -2.92 12.28 8.77
CA GLU A 305 -1.94 13.18 9.35
C GLU A 305 -1.67 14.39 8.45
N LEU A 306 -1.62 14.19 7.14
CA LEU A 306 -1.48 15.32 6.22
C LEU A 306 -2.64 16.28 6.40
N VAL A 307 -3.85 15.73 6.52
CA VAL A 307 -5.01 16.58 6.70
C VAL A 307 -4.88 17.34 8.01
N ARG A 308 -4.49 16.66 9.08
CA ARG A 308 -4.34 17.28 10.39
C ARG A 308 -3.41 18.50 10.29
N LEU A 309 -2.29 18.33 9.57
CA LEU A 309 -1.32 19.42 9.46
C LEU A 309 -1.85 20.57 8.64
N VAL A 310 -2.65 20.27 7.63
CA VAL A 310 -3.30 21.32 6.85
C VAL A 310 -4.24 22.10 7.76
N LEU A 311 -5.01 21.36 8.54
CA LEU A 311 -5.96 21.98 9.45
C LEU A 311 -5.24 22.88 10.45
N LEU A 312 -4.12 22.41 10.98
CA LEU A 312 -3.35 23.22 11.94
C LEU A 312 -2.86 24.50 11.28
N ARG A 313 -2.49 24.38 10.00
CA ARG A 313 -2.06 25.56 9.26
C ARG A 313 -3.21 26.54 9.10
N LEU A 314 -4.40 26.02 8.79
CA LEU A 314 -5.58 26.86 8.66
C LEU A 314 -5.97 27.51 9.97
N VAL A 315 -5.87 26.76 11.06
CA VAL A 315 -6.04 27.28 12.43
C VAL A 315 -5.00 28.40 12.70
N ASP A 316 -3.77 28.15 12.33
CA ASP A 316 -2.75 29.15 12.55
C ASP A 316 -3.01 30.45 11.80
N GLU A 317 -3.67 30.35 10.64
CA GLU A 317 -4.01 31.50 9.81
C GLU A 317 -5.32 32.16 10.25
N ASN A 318 -5.89 31.68 11.36
CA ASN A 318 -7.19 32.15 11.86
C ASN A 318 -8.28 31.93 10.80
N LEU A 319 -8.22 30.80 10.10
CA LEU A 319 -9.19 30.51 9.07
C LEU A 319 -10.17 29.42 9.52
N LEU A 320 -9.86 28.79 10.65
CA LEU A 320 -10.58 27.60 11.08
C LEU A 320 -10.61 27.55 12.58
N PHE A 321 -11.76 27.16 13.15
CA PHE A 321 -11.93 26.91 14.58
C PHE A 321 -11.57 28.09 15.47
N HIS A 322 -11.87 29.31 15.00
CA HIS A 322 -11.54 30.55 15.71
C HIS A 322 -10.04 30.73 15.98
N GLY A 323 -9.19 30.03 15.23
CA GLY A 323 -7.76 30.14 15.40
C GLY A 323 -7.27 29.35 16.61
N GLU A 324 -8.10 28.45 17.11
CA GLU A 324 -7.75 27.64 18.27
C GLU A 324 -7.83 26.17 17.92
N ALA A 325 -6.76 25.42 18.19
CA ALA A 325 -6.79 23.97 17.99
C ALA A 325 -6.88 23.25 19.33
N SER A 326 -7.77 22.28 19.40
CA SER A 326 -7.92 21.49 20.59
C SER A 326 -6.69 20.60 20.80
N GLU A 327 -6.61 20.06 22.01
CA GLU A 327 -5.59 19.11 22.40
C GLU A 327 -5.58 17.94 21.39
N GLN A 328 -6.77 17.44 21.07
CA GLN A 328 -6.90 16.31 20.16
C GLN A 328 -6.43 16.64 18.75
N LEU A 329 -6.77 17.83 18.26
CA LEU A 329 -6.35 18.24 16.95
C LEU A 329 -4.83 18.38 16.91
N ARG A 330 -4.25 18.73 18.04
CA ARG A 330 -2.80 18.84 18.11
C ARG A 330 -2.12 17.54 18.53
N THR A 331 -2.86 16.44 18.46
CA THR A 331 -2.32 15.13 18.81
C THR A 331 -1.91 14.38 17.54
N ARG A 332 -0.72 13.79 17.58
CA ARG A 332 -0.19 13.05 16.44
C ARG A 332 -1.15 11.92 16.12
N GLY A 333 -1.50 11.82 14.84
CA GLY A 333 -2.38 10.78 14.36
C GLY A 333 -3.84 10.90 14.74
N ALA A 334 -4.23 12.01 15.38
CA ALA A 334 -5.59 12.17 15.86
C ALA A 334 -6.58 12.25 14.72
N PHE A 335 -6.16 12.86 13.62
CA PHE A 335 -7.06 12.96 12.46
C PHE A 335 -6.82 11.70 11.65
N GLU A 336 -7.68 10.71 11.87
CA GLU A 336 -7.47 9.40 11.29
C GLU A 336 -7.80 9.43 9.80
N THR A 337 -7.08 8.62 9.02
CA THR A 337 -7.38 8.53 7.60
C THR A 337 -8.86 8.17 7.39
N ARG A 338 -9.40 7.31 8.25
CA ARG A 338 -10.83 6.93 8.11
C ARG A 338 -11.74 8.17 8.22
N PHE A 339 -11.30 9.19 8.96
CA PHE A 339 -12.05 10.45 9.06
C PHE A 339 -12.03 11.20 7.75
N VAL A 340 -10.93 11.09 7.01
CA VAL A 340 -10.87 11.74 5.71
C VAL A 340 -11.96 11.15 4.81
N SER A 341 -12.08 9.83 4.86
CA SER A 341 -13.11 9.11 4.13
C SER A 341 -14.51 9.47 4.61
N GLN A 342 -14.70 9.52 5.93
CA GLN A 342 -15.97 9.90 6.53
C GLN A 342 -16.39 11.33 6.18
N VAL A 343 -15.43 12.25 6.18
CA VAL A 343 -15.70 13.65 5.83
C VAL A 343 -16.13 13.78 4.38
N GLU A 344 -15.44 13.09 3.49
CA GLU A 344 -15.77 13.20 2.09
C GLU A 344 -17.03 12.41 1.72
N SER A 345 -17.56 11.63 2.67
CA SER A 345 -18.81 10.88 2.51
CA SER A 345 -18.81 10.90 2.45
C SER A 345 -19.99 11.71 2.94
N ASP A 346 -19.72 12.80 3.65
CA ASP A 346 -20.77 13.68 4.16
C ASP A 346 -21.73 14.02 3.03
N THR A 347 -23.02 13.89 3.32
CA THR A 347 -24.08 14.03 2.34
C THR A 347 -24.38 15.49 2.02
N GLY A 348 -23.84 16.40 2.83
CA GLY A 348 -24.12 17.82 2.66
C GLY A 348 -24.70 18.46 3.91
N ASP A 349 -25.29 17.64 4.79
CA ASP A 349 -25.82 18.14 6.06
C ASP A 349 -24.71 18.48 7.07
N ARG A 350 -23.49 18.09 6.75
CA ARG A 350 -22.30 18.38 7.58
C ARG A 350 -22.28 17.57 8.88
N LYS A 351 -23.28 16.73 9.06
CA LYS A 351 -23.50 16.00 10.30
C LYS A 351 -22.32 15.06 10.62
N GLN A 352 -21.84 14.35 9.60
CA GLN A 352 -20.69 13.47 9.77
C GLN A 352 -19.45 14.28 10.13
N ILE A 353 -19.21 15.34 9.36
CA ILE A 353 -18.07 16.22 9.61
C ILE A 353 -18.16 16.81 11.03
N TYR A 354 -19.34 17.32 11.39
CA TYR A 354 -19.54 17.89 12.70
C TYR A 354 -19.16 16.88 13.79
N ASN A 355 -19.61 15.64 13.65
CA ASN A 355 -19.39 14.65 14.71
C ASN A 355 -17.91 14.30 14.91
N ILE A 356 -17.20 14.11 13.80
CA ILE A 356 -15.74 13.91 13.83
C ILE A 356 -15.06 15.06 14.56
N LEU A 357 -15.39 16.28 14.19
CA LEU A 357 -14.71 17.44 14.74
C LEU A 357 -15.08 17.68 16.19
N SER A 358 -16.35 17.43 16.53
CA SER A 358 -16.81 17.54 17.91
C SER A 358 -16.09 16.51 18.79
N THR A 359 -15.93 15.30 18.27
CA THR A 359 -15.21 14.27 19.01
C THR A 359 -13.73 14.63 19.19
N LEU A 360 -13.18 15.37 18.23
CA LEU A 360 -11.84 15.94 18.34
C LEU A 360 -11.76 17.20 19.23
N GLY A 361 -12.84 17.48 19.94
CA GLY A 361 -12.84 18.50 20.98
C GLY A 361 -12.98 19.88 20.38
N LEU A 362 -13.54 19.94 19.19
CA LEU A 362 -13.69 21.22 18.50
C LEU A 362 -15.14 21.65 18.56
N ARG A 363 -15.40 22.92 18.27
CA ARG A 363 -16.76 23.46 18.27
C ARG A 363 -16.98 24.05 16.89
N PRO A 364 -17.15 23.17 15.87
CA PRO A 364 -17.12 23.64 14.50
C PRO A 364 -18.37 24.35 14.02
N SER A 365 -18.17 25.39 13.22
CA SER A 365 -19.25 26.04 12.53
C SER A 365 -19.49 25.26 11.24
N THR A 366 -20.52 25.64 10.48
CA THR A 366 -20.76 24.99 9.19
C THR A 366 -19.62 25.33 8.22
N THR A 367 -19.12 26.55 8.34
CA THR A 367 -17.97 27.01 7.54
C THR A 367 -16.73 26.16 7.86
N ASP A 368 -16.47 25.97 9.14
CA ASP A 368 -15.38 25.11 9.62
C ASP A 368 -15.51 23.73 8.98
N CYS A 369 -16.72 23.18 9.00
CA CYS A 369 -16.97 21.87 8.40
C CYS A 369 -16.63 21.83 6.91
N ASP A 370 -17.09 22.84 6.18
CA ASP A 370 -16.84 22.96 4.74
C ASP A 370 -15.34 23.07 4.43
N ILE A 371 -14.62 23.78 5.29
CA ILE A 371 -13.19 23.97 5.11
C ILE A 371 -12.47 22.64 5.34
N VAL A 372 -12.92 21.91 6.35
CA VAL A 372 -12.33 20.60 6.66
C VAL A 372 -12.58 19.63 5.50
N ARG A 373 -13.79 19.69 4.96
CA ARG A 373 -14.11 18.94 3.75
C ARG A 373 -13.14 19.24 2.62
N ARG A 374 -12.89 20.52 2.37
CA ARG A 374 -11.98 20.95 1.31
C ARG A 374 -10.54 20.49 1.54
N ALA A 375 -10.09 20.57 2.80
CA ALA A 375 -8.78 20.06 3.15
C ALA A 375 -8.68 18.57 2.82
N CYS A 376 -9.66 17.77 3.26
CA CYS A 376 -9.65 16.33 3.00
C CYS A 376 -9.62 16.04 1.50
N GLU A 377 -10.46 16.76 0.76
CA GLU A 377 -10.56 16.56 -0.68
C GLU A 377 -9.23 16.90 -1.33
N SER A 378 -8.58 17.95 -0.85
CA SER A 378 -7.33 18.38 -1.43
C SER A 378 -6.24 17.33 -1.22
N VAL A 379 -6.16 16.79 -0.01
CA VAL A 379 -5.12 15.77 0.26
C VAL A 379 -5.44 14.49 -0.52
N SER A 380 -6.70 14.06 -0.50
CA SER A 380 -7.04 12.78 -1.09
C SER A 380 -7.00 12.83 -2.61
N THR A 381 -7.38 13.98 -3.19
CA THR A 381 -7.27 14.12 -4.61
C THR A 381 -5.80 14.06 -5.02
N ARG A 382 -4.94 14.74 -4.27
CA ARG A 382 -3.54 14.70 -4.60
C ARG A 382 -3.05 13.25 -4.51
N ALA A 383 -3.47 12.54 -3.46
CA ALA A 383 -3.07 11.15 -3.31
C ALA A 383 -3.50 10.37 -4.55
N ALA A 384 -4.79 10.47 -4.90
CA ALA A 384 -5.30 9.82 -6.10
C ALA A 384 -4.47 10.14 -7.35
N HIS A 385 -4.19 11.41 -7.56
CA HIS A 385 -3.45 11.82 -8.74
C HIS A 385 -2.02 11.33 -8.76
N MET A 386 -1.32 11.50 -7.64
CA MET A 386 0.03 10.96 -7.54
C MET A 386 0.03 9.46 -7.79
N CYS A 387 -0.91 8.72 -7.18
CA CYS A 387 -0.98 7.31 -7.36
C CYS A 387 -1.24 6.95 -8.83
N SER A 388 -2.06 7.76 -9.48
CA SER A 388 -2.41 7.52 -10.87
C SER A 388 -1.16 7.60 -11.78
N ALA A 389 -0.24 8.48 -11.45
CA ALA A 389 0.96 8.66 -12.27
C ALA A 389 1.83 7.42 -12.17
N GLY A 390 1.87 6.82 -10.98
CA GLY A 390 2.62 5.60 -10.76
C GLY A 390 2.02 4.48 -11.58
N LEU A 391 0.72 4.26 -11.41
CA LEU A 391 0.09 3.16 -12.12
C LEU A 391 0.17 3.36 -13.64
N ALA A 392 -0.02 4.59 -14.07
CA ALA A 392 0.05 4.86 -15.50
C ALA A 392 1.46 4.58 -16.02
N GLY A 393 2.49 4.89 -15.22
CA GLY A 393 3.87 4.63 -15.58
C GLY A 393 4.06 3.13 -15.83
N VAL A 394 3.53 2.31 -14.92
CA VAL A 394 3.68 0.85 -15.01
C VAL A 394 2.96 0.32 -16.23
N ILE A 395 1.73 0.77 -16.42
CA ILE A 395 0.91 0.22 -17.50
C ILE A 395 1.48 0.64 -18.86
N ASN A 396 1.88 1.90 -18.95
CA ASN A 396 2.50 2.39 -20.19
C ASN A 396 3.79 1.65 -20.49
N ARG A 397 4.59 1.42 -19.46
CA ARG A 397 5.79 0.60 -19.57
C ARG A 397 5.47 -0.76 -20.16
N MET A 398 4.43 -1.40 -19.62
CA MET A 398 4.02 -2.73 -20.04
C MET A 398 3.59 -2.75 -21.49
N ARG A 399 2.80 -1.75 -21.86
CA ARG A 399 2.29 -1.67 -23.20
C ARG A 399 3.46 -1.58 -24.17
N GLU A 400 4.48 -0.81 -23.79
CA GLU A 400 5.67 -0.61 -24.62
C GLU A 400 6.48 -1.90 -24.72
N SER A 401 6.66 -2.59 -23.59
CA SER A 401 7.49 -3.79 -23.52
C SER A 401 6.87 -4.89 -24.36
N ARG A 402 5.53 -4.91 -24.37
CA ARG A 402 4.78 -5.90 -25.10
C ARG A 402 4.56 -5.37 -26.51
N SER A 403 4.00 -6.19 -27.39
CA SER A 403 3.93 -5.77 -28.79
C SER A 403 2.77 -4.82 -29.06
N GLU A 404 2.34 -4.04 -28.06
CA GLU A 404 0.92 -3.68 -28.06
C GLU A 404 0.43 -2.31 -28.51
N ASP A 405 -0.36 -2.32 -29.58
CA ASP A 405 -1.08 -1.13 -30.03
C ASP A 405 -2.06 -0.71 -28.95
N VAL A 406 -2.93 -1.62 -28.56
CA VAL A 406 -3.84 -1.37 -27.46
C VAL A 406 -3.60 -2.46 -26.45
N MET A 407 -3.24 -2.07 -25.23
CA MET A 407 -3.11 -3.08 -24.19
C MET A 407 -4.32 -3.14 -23.30
N ARG A 408 -4.89 -4.33 -23.26
CA ARG A 408 -6.00 -4.62 -22.39
C ARG A 408 -5.39 -5.37 -21.23
N ILE A 409 -5.58 -4.82 -20.03
CA ILE A 409 -4.98 -5.39 -18.86
C ILE A 409 -5.88 -5.20 -17.65
N THR A 410 -5.76 -6.10 -16.69
CA THR A 410 -6.53 -5.99 -15.48
C THR A 410 -5.58 -5.71 -14.34
N VAL A 411 -5.99 -4.79 -13.48
CA VAL A 411 -5.23 -4.42 -12.30
C VAL A 411 -6.03 -4.89 -11.12
N GLY A 412 -5.42 -5.73 -10.27
CA GLY A 412 -6.04 -6.16 -9.03
C GLY A 412 -5.63 -5.22 -7.91
N VAL A 413 -6.59 -4.74 -7.13
CA VAL A 413 -6.29 -3.70 -6.13
C VAL A 413 -6.83 -4.08 -4.76
N ASP A 414 -6.06 -3.77 -3.73
CA ASP A 414 -6.57 -3.91 -2.37
C ASP A 414 -6.14 -2.69 -1.60
N GLY A 415 -6.70 -2.55 -0.41
CA GLY A 415 -6.26 -1.54 0.53
C GLY A 415 -7.40 -0.61 0.87
N SER A 416 -7.45 -0.19 2.13
CA SER A 416 -8.59 0.57 2.64
C SER A 416 -8.76 1.92 1.95
N VAL A 417 -7.66 2.53 1.51
CA VAL A 417 -7.80 3.83 0.85
C VAL A 417 -8.59 3.68 -0.47
N TYR A 418 -8.13 2.81 -1.34
CA TYR A 418 -8.81 2.52 -2.58
C TYR A 418 -10.24 2.01 -2.34
N LYS A 419 -10.36 1.08 -1.41
CA LYS A 419 -11.66 0.41 -1.20
C LYS A 419 -12.68 1.29 -0.49
N LEU A 420 -12.25 2.02 0.53
CA LEU A 420 -13.21 2.70 1.44
C LEU A 420 -13.37 4.19 1.23
N HIS A 421 -12.39 4.85 0.62
CA HIS A 421 -12.52 6.28 0.42
C HIS A 421 -13.61 6.54 -0.61
N PRO A 422 -14.52 7.49 -0.33
CA PRO A 422 -15.69 7.66 -1.19
C PRO A 422 -15.41 8.14 -2.63
N SER A 423 -14.22 8.68 -2.88
CA SER A 423 -13.98 9.30 -4.18
C SER A 423 -12.56 9.15 -4.70
N PHE A 424 -11.67 8.63 -3.86
CA PHE A 424 -10.31 8.31 -4.27
C PHE A 424 -10.32 7.49 -5.57
N LYS A 425 -11.06 6.38 -5.54
CA LYS A 425 -11.07 5.41 -6.63
C LYS A 425 -11.48 6.08 -7.95
N GLU A 426 -12.52 6.92 -7.88
CA GLU A 426 -13.04 7.58 -9.06
C GLU A 426 -12.05 8.58 -9.66
N ARG A 427 -11.43 9.36 -8.78
CA ARG A 427 -10.41 10.33 -9.19
C ARG A 427 -9.19 9.61 -9.74
N PHE A 428 -8.79 8.57 -9.03
CA PHE A 428 -7.67 7.77 -9.43
C PHE A 428 -7.91 7.16 -10.82
N HIS A 429 -9.06 6.51 -11.01
CA HIS A 429 -9.37 5.87 -12.30
C HIS A 429 -9.35 6.88 -13.43
N ALA A 430 -9.99 8.02 -13.20
CA ALA A 430 -10.09 9.04 -14.23
C ALA A 430 -8.69 9.51 -14.63
N SER A 431 -7.83 9.70 -13.63
CA SER A 431 -6.52 10.22 -13.91
C SER A 431 -5.67 9.19 -14.62
N VAL A 432 -5.74 7.94 -14.17
CA VAL A 432 -5.05 6.86 -14.83
C VAL A 432 -5.45 6.76 -16.30
N ARG A 433 -6.75 6.89 -16.55
CA ARG A 433 -7.23 6.75 -17.91
C ARG A 433 -6.68 7.87 -18.79
N ARG A 434 -6.61 9.08 -18.26
CA ARG A 434 -6.05 10.22 -19.01
C ARG A 434 -4.60 9.99 -19.38
N LEU A 435 -3.87 9.28 -18.52
CA LEU A 435 -2.44 9.08 -18.71
C LEU A 435 -2.12 7.81 -19.49
N THR A 436 -3.14 7.01 -19.83
CA THR A 436 -2.92 5.74 -20.49
C THR A 436 -3.83 5.56 -21.71
N PRO A 437 -3.79 6.51 -22.65
CA PRO A 437 -4.63 6.30 -23.83
C PRO A 437 -4.05 5.10 -24.60
N SER A 438 -4.86 4.39 -25.37
CA SER A 438 -4.36 3.14 -25.95
C SER A 438 -4.13 2.02 -24.92
N CYS A 439 -4.54 2.24 -23.67
CA CYS A 439 -4.70 1.12 -22.76
C CYS A 439 -6.15 0.99 -22.34
N GLU A 440 -6.58 -0.25 -22.15
CA GLU A 440 -7.91 -0.52 -21.61
C GLU A 440 -7.69 -1.23 -20.29
N ILE A 441 -7.87 -0.48 -19.20
CA ILE A 441 -7.59 -1.01 -17.89
C ILE A 441 -8.87 -1.39 -17.16
N THR A 442 -8.92 -2.64 -16.75
CA THR A 442 -9.99 -3.14 -15.91
C THR A 442 -9.45 -3.19 -14.49
N PHE A 443 -10.20 -2.64 -13.55
CA PHE A 443 -9.80 -2.72 -12.15
C PHE A 443 -10.68 -3.72 -11.44
N ILE A 444 -10.04 -4.59 -10.66
CA ILE A 444 -10.77 -5.54 -9.80
C ILE A 444 -10.35 -5.27 -8.36
N GLU A 445 -11.33 -5.09 -7.46
CA GLU A 445 -11.07 -5.03 -6.03
C GLU A 445 -10.94 -6.46 -5.57
N SER A 446 -9.82 -6.82 -4.96
CA SER A 446 -9.64 -8.21 -4.54
C SER A 446 -10.47 -8.48 -3.29
N GLU A 447 -10.93 -9.71 -3.13
CA GLU A 447 -11.54 -10.10 -1.88
C GLU A 447 -10.66 -11.18 -1.25
N GLU A 448 -10.16 -10.88 -0.05
CA GLU A 448 -9.20 -11.73 0.66
C GLU A 448 -7.84 -11.72 -0.03
N GLY A 449 -7.67 -10.84 -1.02
CA GLY A 449 -6.55 -10.91 -1.97
C GLY A 449 -5.20 -11.29 -1.42
N SER A 450 -4.73 -10.54 -0.42
CA SER A 450 -3.39 -10.76 0.14
C SER A 450 -3.28 -12.14 0.80
N GLY A 451 -4.32 -12.53 1.54
CA GLY A 451 -4.34 -13.85 2.15
C GLY A 451 -4.49 -14.97 1.13
N ARG A 452 -5.55 -14.88 0.33
CA ARG A 452 -5.87 -15.86 -0.71
C ARG A 452 -4.74 -16.05 -1.74
N GLY A 453 -4.13 -14.94 -2.15
CA GLY A 453 -3.00 -14.97 -3.08
C GLY A 453 -1.81 -15.79 -2.61
N ALA A 454 -1.52 -15.71 -1.31
CA ALA A 454 -0.39 -16.44 -0.76
C ALA A 454 -0.66 -17.96 -0.80
N ALA A 455 -1.90 -18.35 -0.57
CA ALA A 455 -2.27 -19.76 -0.58
C ALA A 455 -2.20 -20.28 -2.01
N LEU A 456 -2.71 -19.47 -2.94
CA LEU A 456 -2.70 -19.82 -4.36
C LEU A 456 -1.29 -19.98 -4.91
N VAL A 457 -0.41 -19.02 -4.62
CA VAL A 457 0.99 -19.11 -5.07
C VAL A 457 1.68 -20.35 -4.51
N SER A 458 1.33 -20.69 -3.27
CA SER A 458 1.83 -21.88 -2.60
C SER A 458 1.37 -23.16 -3.29
N ALA A 459 0.11 -23.17 -3.74
CA ALA A 459 -0.44 -24.32 -4.46
C ALA A 459 0.27 -24.52 -5.79
N VAL A 460 0.56 -23.40 -6.48
CA VAL A 460 1.28 -23.43 -7.74
C VAL A 460 2.75 -23.80 -7.53
N ALA A 461 3.36 -23.21 -6.50
CA ALA A 461 4.73 -23.49 -6.12
C ALA A 461 4.87 -24.94 -5.70
N CYS A 462 3.77 -25.50 -5.20
CA CYS A 462 3.75 -26.88 -4.69
C CYS A 462 3.75 -27.91 -5.83
N LYS A 463 3.06 -27.58 -6.93
CA LYS A 463 3.04 -28.42 -8.12
C LYS A 463 4.38 -28.35 -8.85
C1 GLC B . 4.84 -0.49 1.72
C2 GLC B . 5.76 -1.72 1.60
C3 GLC B . 5.39 -2.57 0.37
C4 GLC B . 3.88 -2.87 0.45
C5 GLC B . 3.04 -1.61 0.65
C6 GLC B . 1.55 -1.88 0.78
O1 GLC B . 4.99 0.36 0.59
O2 GLC B . 7.11 -1.28 1.49
O3 GLC B . 6.13 -3.78 0.39
O4 GLC B . 3.47 -3.52 -0.73
O5 GLC B . 3.49 -0.92 1.82
O6 GLC B . 1.33 -2.62 1.98
O29 2N8 C . -4.95 -19.62 -11.71
S27 2N8 C . -3.85 -20.53 -11.86
O30 2N8 C . -3.95 -21.58 -10.88
C28 2N8 C . -3.94 -21.16 -13.38
C23 2N8 C . -2.46 -19.80 -11.62
C22 2N8 C . -1.40 -19.99 -12.32
C21 2N8 C . -0.31 -19.10 -12.38
C24 2N8 C . -2.20 -18.92 -10.61
CL26 2N8 C . -3.39 -18.56 -9.35
C25 2N8 C . -0.99 -18.24 -10.50
C10 2N8 C . 0.05 -18.37 -11.39
C9 2N8 C . 1.40 -17.71 -11.24
C8 2N8 C . 1.27 -16.22 -10.91
C3 2N8 C . 0.44 -15.46 -11.93
C4 2N8 C . 0.17 -14.03 -11.45
C5 2N8 C . 0.10 -13.13 -12.69
C1 2N8 C . 0.70 -13.99 -13.76
O6 2N8 C . 0.84 -13.62 -14.91
C2 2N8 C . 1.16 -15.33 -13.27
C11 2N8 C . 2.21 -18.39 -10.17
O13 2N8 C . 1.62 -18.85 -9.21
N14 2N8 C . 3.53 -18.44 -10.39
C15 2N8 C . 4.48 -19.01 -9.60
N16 2N8 C . 5.76 -18.92 -9.98
C17 2N8 C . 6.74 -19.48 -9.25
C18 2N8 C . 6.44 -20.13 -8.05
N19 2N8 C . 5.16 -20.19 -7.66
C20 2N8 C . 4.18 -19.65 -8.40
#